data_3BUJ
#
_entry.id   3BUJ
#
_cell.length_a   71.202
_cell.length_b   71.202
_cell.length_c   204.451
_cell.angle_alpha   90.000
_cell.angle_beta   90.000
_cell.angle_gamma   90.000
#
_symmetry.space_group_name_H-M   'P 41 21 2'
#
loop_
_entity.id
_entity.type
_entity.pdbx_description
1 polymer CalO2
2 non-polymer 'PROTOPORPHYRIN IX CONTAINING FE'
3 water water
#
_entity_poly.entity_id   1
_entity_poly.type   'polypeptide(L)'
_entity_poly.pdbx_seq_one_letter_code
;VTAFDPTDADVRRDPYPSYHWLLRHDPVHRGAHRVWYVSRFADVRAVLGDERFARTGIRRFWTDLVGPGLLAEIVGDIIL
FQDEPDHGRLRGVVGPAFSPSALRRLEPVIAGTVDDLLRPALARGAMDVVDELAYPLALRAVLGLLGLPAADWGAVGRWS
RDVGRTLDRGASAEDMRRGHAAIAEFADYVERALARRRREGGEDLLALMLDAHDRGLMSRNEIVSTVVTFIFTGHETVAS
QVGNAVLSLLAHPDQLDLLRRRPDLLAQAVEECLRYDPSVQSNTRQLDVDVELRGRRLRRDDVVVVLAGAANRDPRRYDR
PDDFDIERDPVPSMSFGAGMRYCLGSYLARTQLRAAVAALARLPGLRLGCASDALAYQPRTMFRGLASLPIAFTPGG
;
_entity_poly.pdbx_strand_id   A
#
# COMPACT_ATOMS: atom_id res chain seq x y z
N VAL A 1 24.88 9.35 7.94
CA VAL A 1 23.40 9.72 8.16
C VAL A 1 23.17 10.11 9.64
N THR A 2 23.29 11.41 9.91
CA THR A 2 23.27 11.95 11.28
C THR A 2 21.88 11.92 11.91
N ALA A 3 20.85 12.20 11.11
CA ALA A 3 19.46 12.20 11.55
C ALA A 3 18.55 11.94 10.36
N PHE A 4 18.19 10.68 10.16
CA PHE A 4 17.44 10.26 8.98
C PHE A 4 16.12 11.01 8.81
N ASP A 5 15.90 11.47 7.57
CA ASP A 5 14.67 12.19 7.20
C ASP A 5 14.09 11.72 5.86
N PRO A 6 13.00 10.94 5.91
CA PRO A 6 12.34 10.45 4.70
C PRO A 6 11.73 11.58 3.85
N THR A 7 11.51 12.74 4.47
CA THR A 7 10.97 13.90 3.75
C THR A 7 12.03 14.61 2.90
N ASP A 8 13.30 14.27 3.12
CA ASP A 8 14.40 14.83 2.35
C ASP A 8 14.33 14.36 0.88
N ALA A 9 14.57 15.30 -0.03
CA ALA A 9 14.41 15.08 -1.49
C ALA A 9 15.28 13.96 -2.05
N ASP A 10 16.52 13.87 -1.58
CA ASP A 10 17.43 12.78 -1.93
C ASP A 10 16.84 11.44 -1.55
N VAL A 11 16.34 11.37 -0.32
CA VAL A 11 15.78 10.14 0.24
C VAL A 11 14.46 9.78 -0.42
N ARG A 12 13.70 10.79 -0.83
CA ARG A 12 12.43 10.54 -1.52
C ARG A 12 12.64 9.76 -2.82
N ARG A 13 13.67 10.09 -3.59
N ARG A 13 13.67 10.13 -3.57
CA ARG A 13 13.87 9.43 -4.89
CA ARG A 13 13.97 9.52 -4.86
C ARG A 13 14.79 8.18 -4.92
C ARG A 13 14.61 8.13 -4.73
N ASP A 14 15.64 8.04 -3.90
CA ASP A 14 16.40 6.78 -3.70
C ASP A 14 16.87 6.64 -2.25
N PRO A 15 16.02 6.06 -1.38
CA PRO A 15 16.36 5.94 0.03
C PRO A 15 17.34 4.79 0.34
N TYR A 16 17.68 4.01 -0.68
CA TYR A 16 18.44 2.78 -0.48
C TYR A 16 19.90 2.90 -0.02
N PRO A 17 20.65 3.92 -0.49
CA PRO A 17 21.98 4.19 0.11
C PRO A 17 21.91 4.60 1.59
N SER A 18 20.87 5.36 1.95
CA SER A 18 20.63 5.72 3.35
C SER A 18 20.35 4.47 4.17
N TYR A 19 19.52 3.57 3.63
CA TYR A 19 19.20 2.31 4.29
C TYR A 19 20.45 1.46 4.52
N HIS A 20 21.22 1.22 3.46
CA HIS A 20 22.47 0.45 3.55
C HIS A 20 23.33 0.90 4.74
N TRP A 21 23.53 2.21 4.87
CA TRP A 21 24.30 2.78 5.97
C TRP A 21 23.64 2.45 7.30
N LEU A 22 22.32 2.68 7.36
CA LEU A 22 21.54 2.50 8.57
C LEU A 22 21.63 1.10 9.15
N LEU A 23 21.42 0.07 8.34
CA LEU A 23 21.42 -1.29 8.88
C LEU A 23 22.82 -1.83 9.17
N ARG A 24 23.84 -1.11 8.69
CA ARG A 24 25.23 -1.50 8.89
C ARG A 24 25.85 -0.76 10.09
N HIS A 25 25.42 0.48 10.35
CA HIS A 25 26.07 1.34 11.34
C HIS A 25 25.15 1.80 12.48
N ASP A 26 23.85 1.89 12.20
CA ASP A 26 22.89 2.37 13.19
C ASP A 26 21.52 1.72 13.02
N PRO A 27 21.39 0.42 13.34
CA PRO A 27 20.17 -0.35 13.08
C PRO A 27 18.93 0.15 13.82
N VAL A 28 19.14 0.76 15.00
CA VAL A 28 18.08 1.42 15.76
C VAL A 28 18.49 2.87 16.00
N HIS A 29 17.98 3.74 15.13
CA HIS A 29 18.54 5.08 14.90
C HIS A 29 17.62 6.22 15.33
N ARG A 30 18.16 7.19 16.06
CA ARG A 30 17.38 8.38 16.39
C ARG A 30 17.55 9.42 15.28
N GLY A 31 16.50 9.54 14.47
CA GLY A 31 16.51 10.45 13.32
C GLY A 31 15.90 11.80 13.63
N ALA A 32 15.59 12.53 12.56
CA ALA A 32 15.01 13.87 12.64
C ALA A 32 13.78 13.92 13.55
N HIS A 33 13.74 14.93 14.42
CA HIS A 33 12.62 15.19 15.34
C HIS A 33 12.47 14.13 16.44
N ARG A 34 13.54 13.37 16.67
CA ARG A 34 13.59 12.31 17.68
C ARG A 34 12.61 11.18 17.34
N VAL A 35 12.51 10.88 16.06
CA VAL A 35 11.79 9.71 15.57
C VAL A 35 12.80 8.59 15.42
N TRP A 36 12.51 7.44 16.01
CA TRP A 36 13.37 6.28 15.86
C TRP A 36 13.12 5.60 14.53
N TYR A 37 14.18 5.06 13.93
CA TYR A 37 14.04 4.32 12.69
C TYR A 37 14.68 2.96 12.86
N VAL A 38 13.89 1.93 12.61
CA VAL A 38 14.34 0.54 12.79
C VAL A 38 14.51 -0.13 11.41
N SER A 39 15.73 -0.63 11.17
CA SER A 39 16.18 -1.05 9.83
C SER A 39 16.22 -2.55 9.56
N ARG A 40 16.79 -3.30 10.49
CA ARG A 40 17.07 -4.72 10.29
C ARG A 40 15.82 -5.57 10.32
N PHE A 41 15.82 -6.62 9.50
CA PHE A 41 14.68 -7.55 9.42
C PHE A 41 14.28 -8.06 10.80
N ALA A 42 15.23 -8.64 11.52
CA ALA A 42 15.00 -9.16 12.85
C ALA A 42 14.29 -8.14 13.74
N ASP A 43 14.74 -6.88 13.72
CA ASP A 43 14.18 -5.84 14.60
C ASP A 43 12.82 -5.34 14.12
N VAL A 44 12.68 -5.11 12.81
CA VAL A 44 11.42 -4.69 12.24
C VAL A 44 10.35 -5.71 12.66
N ARG A 45 10.59 -6.98 12.37
CA ARG A 45 9.70 -8.07 12.77
C ARG A 45 9.44 -8.09 14.28
N ALA A 46 10.47 -7.76 15.06
CA ALA A 46 10.34 -7.68 16.52
C ALA A 46 9.35 -6.58 16.90
N VAL A 47 9.55 -5.39 16.37
CA VAL A 47 8.66 -4.25 16.65
C VAL A 47 7.22 -4.54 16.26
N LEU A 48 7.02 -5.04 15.03
CA LEU A 48 5.68 -5.27 14.52
C LEU A 48 4.87 -6.28 15.34
N GLY A 49 5.55 -7.26 15.93
CA GLY A 49 4.89 -8.26 16.77
C GLY A 49 4.73 -7.84 18.23
N ASP A 50 5.05 -6.58 18.53
CA ASP A 50 4.98 -6.07 19.89
C ASP A 50 3.89 -5.00 20.05
N GLU A 51 2.80 -5.36 20.73
CA GLU A 51 1.64 -4.47 20.97
C GLU A 51 1.99 -3.17 21.69
N ARG A 52 3.13 -3.14 22.38
CA ARG A 52 3.59 -1.94 23.09
C ARG A 52 3.89 -0.80 22.12
N PHE A 53 4.36 -1.12 20.91
CA PHE A 53 4.48 -0.17 19.82
C PHE A 53 3.09 -0.06 19.18
N ALA A 54 2.35 0.98 19.58
CA ALA A 54 0.89 0.97 19.43
C ALA A 54 0.42 2.07 18.49
N ARG A 55 -0.87 2.09 18.18
CA ARG A 55 -1.40 3.10 17.26
C ARG A 55 -2.30 4.16 17.92
N THR A 56 -2.67 3.92 19.17
CA THR A 56 -3.61 4.79 19.88
C THR A 56 -3.12 6.23 20.00
N GLY A 57 -1.83 6.43 20.33
CA GLY A 57 -1.28 7.79 20.43
C GLY A 57 -1.37 8.54 19.11
N ILE A 58 -1.20 7.82 18.01
CA ILE A 58 -1.34 8.37 16.67
C ILE A 58 -2.80 8.76 16.36
N ARG A 59 -3.75 7.91 16.76
CA ARG A 59 -5.19 8.21 16.55
C ARG A 59 -5.59 9.47 17.30
N ARG A 60 -5.22 9.54 18.58
CA ARG A 60 -5.64 10.67 19.41
C ARG A 60 -5.01 11.97 18.97
N PHE A 61 -3.76 11.91 18.54
CA PHE A 61 -3.09 13.09 18.02
C PHE A 61 -3.83 13.60 16.79
N TRP A 62 -4.18 12.68 15.90
CA TRP A 62 -4.75 13.04 14.62
C TRP A 62 -6.18 13.57 14.70
N THR A 63 -7.01 12.95 15.54
CA THR A 63 -8.39 13.39 15.71
C THR A 63 -8.50 14.78 16.32
N ASP A 64 -7.60 15.11 17.24
CA ASP A 64 -7.60 16.43 17.86
C ASP A 64 -6.96 17.47 16.96
N LEU A 65 -6.09 17.01 16.06
CA LEU A 65 -5.52 17.86 15.02
C LEU A 65 -6.57 18.29 13.97
N VAL A 66 -7.43 17.36 13.54
CA VAL A 66 -8.44 17.73 12.53
C VAL A 66 -9.65 18.42 13.16
N GLY A 67 -9.83 18.22 14.46
CA GLY A 67 -10.91 18.85 15.22
C GLY A 67 -12.24 18.11 15.09
N PRO A 68 -13.22 18.45 15.95
CA PRO A 68 -14.54 17.80 16.01
C PRO A 68 -15.27 17.79 14.67
N GLY A 69 -16.09 16.76 14.47
CA GLY A 69 -16.91 16.65 13.27
C GLY A 69 -16.79 15.33 12.55
N LEU A 70 -17.40 15.28 11.37
CA LEU A 70 -17.54 14.06 10.58
C LEU A 70 -16.23 13.36 10.23
N LEU A 71 -15.24 14.15 9.83
CA LEU A 71 -13.94 13.61 9.45
C LEU A 71 -13.30 12.86 10.63
N ALA A 72 -13.22 13.54 11.77
CA ALA A 72 -12.68 12.92 13.00
C ALA A 72 -13.48 11.68 13.41
N GLU A 73 -14.81 11.80 13.45
CA GLU A 73 -15.68 10.68 13.85
C GLU A 73 -15.55 9.44 12.97
N ILE A 74 -15.33 9.63 11.67
CA ILE A 74 -15.27 8.49 10.76
C ILE A 74 -13.85 7.97 10.64
N VAL A 75 -12.91 8.83 10.26
CA VAL A 75 -11.54 8.38 10.09
C VAL A 75 -10.94 7.97 11.44
N GLY A 76 -11.45 8.56 12.52
CA GLY A 76 -11.08 8.15 13.87
C GLY A 76 -11.32 6.67 14.11
N ASP A 77 -12.31 6.10 13.44
CA ASP A 77 -12.72 4.71 13.64
C ASP A 77 -11.95 3.70 12.77
N ILE A 78 -11.05 4.17 11.90
CA ILE A 78 -10.34 3.27 10.99
C ILE A 78 -9.47 2.22 11.71
N ILE A 79 -9.37 1.04 11.12
CA ILE A 79 -8.64 -0.09 11.71
C ILE A 79 -7.17 0.23 11.96
N LEU A 80 -6.58 1.03 11.09
CA LEU A 80 -5.18 1.47 11.20
C LEU A 80 -4.94 2.25 12.49
N PHE A 81 -6.01 2.83 13.04
CA PHE A 81 -5.91 3.66 14.24
C PHE A 81 -6.24 2.93 15.56
N GLN A 82 -6.49 1.62 15.51
CA GLN A 82 -6.93 0.88 16.70
C GLN A 82 -5.88 -0.06 17.26
N ASP A 83 -5.95 -0.29 18.56
CA ASP A 83 -5.20 -1.39 19.19
C ASP A 83 -6.24 -2.39 19.68
N GLU A 84 -5.81 -3.46 20.34
CA GLU A 84 -6.76 -4.41 20.92
C GLU A 84 -7.61 -3.77 22.02
N PRO A 85 -8.88 -4.20 22.18
CA PRO A 85 -9.59 -5.24 21.41
C PRO A 85 -10.29 -4.78 20.14
N ASP A 86 -10.45 -3.47 19.94
CA ASP A 86 -11.14 -2.94 18.75
C ASP A 86 -10.52 -3.43 17.46
N HIS A 87 -9.19 -3.57 17.44
CA HIS A 87 -8.49 -4.03 16.24
C HIS A 87 -8.90 -5.46 15.90
N GLY A 88 -8.86 -6.35 16.88
CA GLY A 88 -9.27 -7.74 16.71
C GLY A 88 -10.72 -7.90 16.28
N ARG A 89 -11.59 -7.06 16.82
CA ARG A 89 -13.00 -7.08 16.44
C ARG A 89 -13.19 -6.80 14.94
N LEU A 90 -12.65 -5.68 14.45
CA LEU A 90 -12.79 -5.28 13.04
C LEU A 90 -12.15 -6.27 12.08
N ARG A 91 -10.94 -6.71 12.41
CA ARG A 91 -10.22 -7.71 11.63
C ARG A 91 -10.96 -9.07 11.56
N GLY A 92 -11.63 -9.45 12.64
CA GLY A 92 -12.40 -10.69 12.68
C GLY A 92 -13.60 -10.62 11.75
N VAL A 93 -14.18 -9.43 11.64
CA VAL A 93 -15.30 -9.18 10.75
C VAL A 93 -14.90 -9.30 9.27
N VAL A 94 -13.89 -8.56 8.84
CA VAL A 94 -13.52 -8.48 7.42
C VAL A 94 -12.56 -9.57 6.94
N GLY A 95 -11.78 -10.13 7.88
CA GLY A 95 -10.77 -11.16 7.57
C GLY A 95 -11.10 -12.25 6.58
N PRO A 96 -12.27 -12.93 6.75
CA PRO A 96 -12.68 -14.05 5.86
C PRO A 96 -13.01 -13.66 4.42
N ALA A 97 -13.12 -12.37 4.14
CA ALA A 97 -13.39 -11.89 2.80
C ALA A 97 -12.11 -11.84 1.97
N PHE A 98 -10.97 -11.91 2.66
CA PHE A 98 -9.67 -11.77 2.04
C PHE A 98 -8.92 -13.10 1.85
N SER A 99 -9.57 -14.22 2.19
CA SER A 99 -8.94 -15.50 2.01
C SER A 99 -8.72 -15.75 0.52
N PRO A 100 -7.65 -16.51 0.16
CA PRO A 100 -7.45 -16.88 -1.25
C PRO A 100 -8.69 -17.52 -1.84
N SER A 101 -9.39 -18.31 -1.02
CA SER A 101 -10.64 -18.96 -1.39
C SER A 101 -11.72 -17.94 -1.77
N ALA A 102 -11.99 -17.01 -0.84
CA ALA A 102 -13.03 -15.99 -1.03
C ALA A 102 -12.76 -15.04 -2.20
N LEU A 103 -11.50 -15.00 -2.65
CA LEU A 103 -11.08 -14.07 -3.70
C LEU A 103 -10.93 -14.69 -5.08
N ARG A 104 -11.21 -15.99 -5.22
CA ARG A 104 -11.17 -16.62 -6.55
C ARG A 104 -12.19 -15.99 -7.49
N ARG A 105 -13.26 -15.46 -6.93
CA ARG A 105 -14.28 -14.71 -7.71
C ARG A 105 -13.65 -13.56 -8.52
N LEU A 106 -12.55 -13.01 -8.03
CA LEU A 106 -11.95 -11.82 -8.65
C LEU A 106 -10.88 -12.07 -9.70
N GLU A 107 -10.32 -13.28 -9.77
CA GLU A 107 -9.26 -13.59 -10.76
C GLU A 107 -9.64 -13.18 -12.20
N PRO A 108 -10.77 -13.71 -12.72
CA PRO A 108 -11.15 -13.30 -14.08
C PRO A 108 -11.47 -11.81 -14.21
N VAL A 109 -12.05 -11.21 -13.16
CA VAL A 109 -12.31 -9.76 -13.13
C VAL A 109 -11.03 -8.94 -13.27
N ILE A 110 -10.01 -9.30 -12.51
CA ILE A 110 -8.72 -8.61 -12.50
C ILE A 110 -7.92 -8.81 -13.81
N ALA A 111 -7.82 -10.05 -14.28
CA ALA A 111 -7.18 -10.35 -15.56
C ALA A 111 -7.91 -9.60 -16.68
N GLY A 112 -9.24 -9.64 -16.61
CA GLY A 112 -10.10 -8.94 -17.55
C GLY A 112 -9.91 -7.44 -17.52
N THR A 113 -9.80 -6.86 -16.32
CA THR A 113 -9.68 -5.41 -16.27
C THR A 113 -8.30 -4.89 -16.69
N VAL A 114 -7.27 -5.74 -16.59
CA VAL A 114 -5.95 -5.41 -17.12
C VAL A 114 -6.01 -5.32 -18.66
N ASP A 115 -6.74 -6.26 -19.24
CA ASP A 115 -6.98 -6.29 -20.67
C ASP A 115 -7.67 -5.02 -21.12
N ASP A 116 -8.78 -4.69 -20.46
CA ASP A 116 -9.57 -3.50 -20.81
C ASP A 116 -8.74 -2.23 -20.70
N LEU A 117 -7.82 -2.20 -19.75
CA LEU A 117 -6.98 -1.02 -19.54
C LEU A 117 -5.87 -0.91 -20.57
N LEU A 118 -5.31 -2.05 -20.96
CA LEU A 118 -4.35 -2.09 -22.06
C LEU A 118 -4.98 -1.72 -23.39
N ARG A 119 -6.24 -2.09 -23.56
CA ARG A 119 -6.94 -2.05 -24.86
C ARG A 119 -6.77 -0.73 -25.63
N PRO A 120 -7.11 0.43 -25.02
CA PRO A 120 -6.94 1.70 -25.75
C PRO A 120 -5.49 2.08 -26.00
N ALA A 121 -4.55 1.39 -25.37
CA ALA A 121 -3.12 1.70 -25.53
C ALA A 121 -2.48 0.99 -26.72
N LEU A 122 -3.03 -0.17 -27.07
CA LEU A 122 -2.39 -1.08 -28.04
C LEU A 122 -2.08 -0.47 -29.41
N ALA A 123 -3.05 0.23 -30.01
CA ALA A 123 -2.86 0.87 -31.32
C ALA A 123 -1.87 2.04 -31.24
N ARG A 124 -1.80 2.68 -30.07
CA ARG A 124 -0.85 3.78 -29.84
C ARG A 124 0.58 3.30 -29.72
N GLY A 125 0.77 2.13 -29.11
CA GLY A 125 2.10 1.65 -28.77
C GLY A 125 2.78 2.49 -27.70
N ALA A 126 1.98 3.21 -26.90
CA ALA A 126 2.48 3.99 -25.78
C ALA A 126 1.43 4.08 -24.68
N MET A 127 1.88 4.36 -23.46
CA MET A 127 1.02 4.40 -22.30
C MET A 127 1.75 4.96 -21.09
N ASP A 128 1.04 5.72 -20.25
CA ASP A 128 1.55 6.03 -18.93
C ASP A 128 1.02 4.96 -17.99
N VAL A 129 1.92 4.10 -17.51
CA VAL A 129 1.50 2.97 -16.69
C VAL A 129 0.75 3.40 -15.43
N VAL A 130 1.22 4.48 -14.79
CA VAL A 130 0.60 5.04 -13.58
C VAL A 130 -0.87 5.49 -13.79
N ASP A 131 -1.09 6.44 -14.69
CA ASP A 131 -2.43 6.98 -15.02
C ASP A 131 -3.41 5.99 -15.62
N GLU A 132 -2.92 5.15 -16.52
CA GLU A 132 -3.77 4.40 -17.42
C GLU A 132 -3.89 2.92 -17.06
N LEU A 133 -2.96 2.40 -16.26
CA LEU A 133 -3.02 1.01 -15.81
C LEU A 133 -3.09 0.91 -14.27
N ALA A 134 -2.04 1.35 -13.60
CA ALA A 134 -1.87 1.15 -12.17
C ALA A 134 -3.06 1.63 -11.31
N TYR A 135 -3.36 2.92 -11.37
CA TYR A 135 -4.44 3.50 -10.56
C TYR A 135 -5.83 2.95 -10.86
N PRO A 136 -6.26 2.95 -12.14
CA PRO A 136 -7.59 2.35 -12.39
C PRO A 136 -7.69 0.90 -11.97
N LEU A 137 -6.68 0.08 -12.25
CA LEU A 137 -6.73 -1.35 -11.89
C LEU A 137 -6.95 -1.55 -10.39
N ALA A 138 -6.13 -0.88 -9.59
CA ALA A 138 -6.15 -0.97 -8.14
C ALA A 138 -7.47 -0.52 -7.54
N LEU A 139 -8.04 0.55 -8.11
CA LEU A 139 -9.34 1.06 -7.69
C LEU A 139 -10.51 0.14 -8.09
N ARG A 140 -10.48 -0.34 -9.33
CA ARG A 140 -11.46 -1.32 -9.77
C ARG A 140 -11.41 -2.60 -8.93
N ALA A 141 -10.21 -3.10 -8.63
CA ALA A 141 -10.05 -4.30 -7.80
C ALA A 141 -10.65 -4.16 -6.40
N VAL A 142 -10.30 -3.10 -5.68
CA VAL A 142 -10.88 -2.90 -4.35
C VAL A 142 -12.40 -2.61 -4.37
N LEU A 143 -12.89 -1.94 -5.41
CA LEU A 143 -14.34 -1.80 -5.59
C LEU A 143 -15.02 -3.17 -5.80
N GLY A 144 -14.45 -4.01 -6.66
CA GLY A 144 -14.91 -5.38 -6.84
C GLY A 144 -14.92 -6.15 -5.51
N LEU A 145 -13.83 -6.03 -4.75
CA LEU A 145 -13.76 -6.67 -3.45
C LEU A 145 -14.98 -6.27 -2.61
N LEU A 146 -15.27 -4.97 -2.58
CA LEU A 146 -16.38 -4.45 -1.79
C LEU A 146 -17.75 -4.80 -2.37
N GLY A 147 -17.80 -5.00 -3.69
CA GLY A 147 -19.05 -5.25 -4.38
C GLY A 147 -19.68 -3.95 -4.87
N LEU A 148 -18.88 -2.89 -4.94
CA LEU A 148 -19.34 -1.57 -5.42
C LEU A 148 -19.20 -1.49 -6.95
N PRO A 149 -19.98 -0.61 -7.61
CA PRO A 149 -19.81 -0.51 -9.06
C PRO A 149 -18.39 -0.06 -9.46
N ALA A 150 -17.70 -0.91 -10.22
CA ALA A 150 -16.33 -0.63 -10.66
C ALA A 150 -16.18 0.64 -11.53
N ALA A 151 -17.27 1.08 -12.18
CA ALA A 151 -17.28 2.33 -12.95
C ALA A 151 -17.13 3.59 -12.09
N ASP A 152 -17.36 3.47 -10.79
CA ASP A 152 -17.22 4.60 -9.86
C ASP A 152 -15.76 4.83 -9.43
N TRP A 153 -14.83 4.07 -10.00
CA TRP A 153 -13.42 4.10 -9.58
C TRP A 153 -12.80 5.49 -9.46
N GLY A 154 -13.12 6.37 -10.40
CA GLY A 154 -12.53 7.70 -10.47
C GLY A 154 -13.06 8.59 -9.38
N ALA A 155 -14.38 8.66 -9.27
CA ALA A 155 -15.02 9.47 -8.24
C ALA A 155 -14.61 8.99 -6.85
N VAL A 156 -14.60 7.68 -6.66
CA VAL A 156 -14.30 7.09 -5.35
C VAL A 156 -12.80 7.21 -5.05
N GLY A 157 -11.97 7.05 -6.07
CA GLY A 157 -10.54 7.23 -5.87
C GLY A 157 -10.23 8.65 -5.42
N ARG A 158 -10.95 9.62 -6.00
CA ARG A 158 -10.76 11.01 -5.69
C ARG A 158 -11.18 11.31 -4.25
N TRP A 159 -12.39 10.88 -3.88
CA TRP A 159 -12.83 11.01 -2.48
C TRP A 159 -11.78 10.44 -1.55
N SER A 160 -11.31 9.23 -1.84
CA SER A 160 -10.37 8.57 -0.94
C SER A 160 -9.03 9.29 -0.87
N ARG A 161 -8.53 9.82 -1.98
CA ARG A 161 -7.29 10.59 -1.89
CA ARG A 161 -7.28 10.63 -1.93
C ARG A 161 -7.50 11.90 -1.09
N ASP A 162 -8.64 12.56 -1.30
CA ASP A 162 -8.90 13.79 -0.57
C ASP A 162 -8.98 13.54 0.94
N VAL A 163 -9.62 12.45 1.33
CA VAL A 163 -9.71 12.07 2.73
C VAL A 163 -8.35 11.58 3.23
N GLY A 164 -7.71 10.70 2.45
CA GLY A 164 -6.44 10.09 2.84
C GLY A 164 -5.29 11.06 3.05
N ARG A 165 -5.20 12.08 2.21
CA ARG A 165 -4.12 13.08 2.30
C ARG A 165 -4.26 13.95 3.54
N THR A 166 -5.35 13.73 4.26
CA THR A 166 -5.66 14.50 5.44
C THR A 166 -4.94 13.92 6.67
N LEU A 167 -4.41 12.71 6.49
CA LEU A 167 -3.60 12.01 7.49
C LEU A 167 -2.11 12.31 7.28
N ASP A 168 -1.80 13.01 6.20
CA ASP A 168 -0.42 13.31 5.86
C ASP A 168 0.03 14.51 6.69
N ARG A 169 0.94 14.24 7.62
CA ARG A 169 1.36 15.22 8.63
C ARG A 169 1.79 16.58 8.05
N GLY A 170 2.32 16.55 6.83
CA GLY A 170 2.49 17.77 6.04
C GLY A 170 1.16 18.09 5.38
N ALA A 171 0.30 18.80 6.10
CA ALA A 171 -1.06 19.10 5.65
C ALA A 171 -1.20 20.53 5.14
N SER A 172 -2.30 20.81 4.43
CA SER A 172 -2.61 22.16 3.96
C SER A 172 -4.01 22.56 4.37
N ALA A 173 -4.24 23.87 4.50
CA ALA A 173 -5.58 24.42 4.71
C ALA A 173 -6.50 24.00 3.57
N GLU A 174 -5.93 23.89 2.37
CA GLU A 174 -6.63 23.42 1.17
C GLU A 174 -6.95 21.93 1.25
N ASP A 175 -5.96 21.12 1.63
CA ASP A 175 -6.13 19.68 1.82
C ASP A 175 -7.27 19.41 2.78
N MET A 176 -7.25 20.13 3.91
CA MET A 176 -8.24 20.00 4.97
C MET A 176 -9.66 20.29 4.51
N ARG A 177 -9.87 21.44 3.87
CA ARG A 177 -11.21 21.82 3.41
C ARG A 177 -11.76 20.77 2.45
N ARG A 178 -10.91 20.30 1.54
CA ARG A 178 -11.25 19.23 0.60
C ARG A 178 -11.50 17.89 1.29
N GLY A 179 -10.75 17.61 2.34
CA GLY A 179 -10.92 16.38 3.10
C GLY A 179 -12.27 16.32 3.79
N HIS A 180 -12.57 17.35 4.59
CA HIS A 180 -13.89 17.54 5.19
C HIS A 180 -15.03 17.49 4.15
N ALA A 181 -14.83 18.15 3.01
CA ALA A 181 -15.83 18.12 1.93
C ALA A 181 -16.02 16.72 1.33
N ALA A 182 -14.93 15.94 1.21
CA ALA A 182 -15.00 14.62 0.57
C ALA A 182 -15.53 13.52 1.47
N ILE A 183 -15.25 13.62 2.77
CA ILE A 183 -15.74 12.63 3.70
C ILE A 183 -17.26 12.65 3.72
N ALA A 184 -17.85 13.84 3.65
CA ALA A 184 -19.30 14.00 3.61
C ALA A 184 -19.89 13.31 2.39
N GLU A 185 -19.34 13.58 1.21
CA GLU A 185 -19.81 12.97 -0.04
C GLU A 185 -19.58 11.47 -0.05
N PHE A 186 -18.37 11.07 0.35
CA PHE A 186 -18.02 9.66 0.51
C PHE A 186 -19.00 8.90 1.42
N ALA A 187 -19.34 9.48 2.57
CA ALA A 187 -20.24 8.83 3.52
C ALA A 187 -21.62 8.60 2.93
N ASP A 188 -22.14 9.61 2.24
CA ASP A 188 -23.40 9.51 1.49
C ASP A 188 -23.38 8.32 0.55
N TYR A 189 -22.33 8.25 -0.24
CA TYR A 189 -22.11 7.16 -1.18
C TYR A 189 -22.27 5.80 -0.51
N VAL A 190 -21.53 5.58 0.56
CA VAL A 190 -21.54 4.28 1.23
C VAL A 190 -22.91 3.96 1.80
N GLU A 191 -23.56 4.97 2.38
CA GLU A 191 -24.90 4.81 2.94
C GLU A 191 -25.89 4.38 1.87
N ARG A 192 -25.71 4.88 0.65
CA ARG A 192 -26.59 4.53 -0.48
C ARG A 192 -26.33 3.11 -0.95
N ALA A 193 -25.08 2.68 -0.84
CA ALA A 193 -24.71 1.31 -1.17
C ALA A 193 -25.25 0.34 -0.12
N LEU A 194 -25.18 0.75 1.14
CA LEU A 194 -25.70 -0.05 2.25
C LEU A 194 -27.22 -0.21 2.13
N ALA A 195 -27.91 0.90 1.83
CA ALA A 195 -29.36 0.88 1.64
C ALA A 195 -29.79 -0.05 0.49
N ARG A 196 -29.00 -0.07 -0.58
CA ARG A 196 -29.23 -0.99 -1.69
C ARG A 196 -29.09 -2.45 -1.27
N ARG A 197 -28.17 -2.72 -0.35
CA ARG A 197 -28.03 -4.06 0.21
C ARG A 197 -29.11 -4.40 1.23
N ARG A 198 -29.61 -3.37 1.90
CA ARG A 198 -30.73 -3.49 2.84
C ARG A 198 -32.01 -3.96 2.14
N ARG A 199 -32.19 -3.56 0.88
CA ARG A 199 -33.43 -3.81 0.16
C ARG A 199 -33.33 -4.88 -0.92
N GLU A 200 -32.11 -5.12 -1.41
CA GLU A 200 -31.88 -6.03 -2.52
C GLU A 200 -31.15 -7.30 -2.10
N GLY A 201 -30.24 -7.18 -1.14
CA GLY A 201 -29.40 -8.30 -0.74
C GLY A 201 -27.99 -8.13 -1.26
N GLY A 202 -27.20 -9.21 -1.13
CA GLY A 202 -25.79 -9.19 -1.55
C GLY A 202 -24.98 -10.24 -0.81
N GLU A 203 -23.89 -10.68 -1.44
CA GLU A 203 -22.99 -11.65 -0.84
C GLU A 203 -21.57 -11.07 -0.74
N ASP A 204 -21.43 -9.80 -1.09
CA ASP A 204 -20.13 -9.13 -1.13
C ASP A 204 -19.65 -8.68 0.26
N LEU A 205 -18.45 -8.09 0.30
CA LEU A 205 -17.86 -7.64 1.55
C LEU A 205 -18.74 -6.60 2.26
N LEU A 206 -19.24 -5.64 1.49
CA LEU A 206 -20.15 -4.64 2.03
C LEU A 206 -21.37 -5.28 2.67
N ALA A 207 -21.86 -6.37 2.07
CA ALA A 207 -22.97 -7.16 2.63
C ALA A 207 -22.58 -7.85 3.93
N LEU A 208 -21.36 -8.38 3.97
CA LEU A 208 -20.84 -9.07 5.16
C LEU A 208 -20.64 -8.09 6.33
N MET A 209 -20.32 -6.84 6.00
CA MET A 209 -20.19 -5.80 7.02
C MET A 209 -21.54 -5.35 7.54
N LEU A 210 -22.52 -5.27 6.64
CA LEU A 210 -23.87 -4.86 7.01
C LEU A 210 -24.47 -5.87 7.97
N ASP A 211 -24.19 -7.15 7.72
CA ASP A 211 -24.59 -8.25 8.58
C ASP A 211 -23.92 -8.16 9.95
N ALA A 212 -22.64 -7.85 9.95
CA ALA A 212 -21.88 -7.68 11.19
C ALA A 212 -22.48 -6.56 12.02
N HIS A 213 -22.89 -5.49 11.35
CA HIS A 213 -23.60 -4.37 11.98
C HIS A 213 -24.91 -4.82 12.65
N ASP A 214 -25.63 -5.74 12.01
CA ASP A 214 -26.89 -6.29 12.55
C ASP A 214 -26.67 -7.14 13.79
N ARG A 215 -25.51 -7.82 13.84
CA ARG A 215 -25.13 -8.61 15.01
C ARG A 215 -24.37 -7.75 16.03
N GLY A 216 -24.34 -6.43 15.76
CA GLY A 216 -23.80 -5.45 16.69
C GLY A 216 -22.29 -5.43 16.79
N LEU A 217 -21.60 -6.03 15.82
CA LEU A 217 -20.14 -6.15 15.86
C LEU A 217 -19.44 -4.96 15.24
N MET A 218 -20.22 -4.05 14.65
CA MET A 218 -19.67 -2.98 13.83
C MET A 218 -20.71 -1.87 13.67
N SER A 219 -20.31 -0.63 13.94
CA SER A 219 -21.23 0.50 13.81
C SER A 219 -21.29 0.99 12.35
N ARG A 220 -22.34 1.74 12.05
CA ARG A 220 -22.48 2.40 10.75
C ARG A 220 -21.20 3.18 10.41
N ASN A 221 -20.71 3.99 11.35
CA ASN A 221 -19.46 4.72 11.16
C ASN A 221 -18.28 3.78 10.86
N GLU A 222 -18.22 2.64 11.55
CA GLU A 222 -17.13 1.68 11.32
C GLU A 222 -17.18 1.06 9.94
N ILE A 223 -18.38 0.79 9.44
CA ILE A 223 -18.53 0.32 8.06
C ILE A 223 -17.97 1.37 7.10
N VAL A 224 -18.46 2.60 7.20
CA VAL A 224 -17.99 3.70 6.38
C VAL A 224 -16.47 3.88 6.47
N SER A 225 -15.93 3.78 7.68
CA SER A 225 -14.50 4.01 7.89
C SER A 225 -13.68 2.84 7.35
N THR A 226 -14.22 1.64 7.46
CA THR A 226 -13.59 0.47 6.88
C THR A 226 -13.59 0.57 5.35
N VAL A 227 -14.70 1.06 4.78
CA VAL A 227 -14.77 1.22 3.33
C VAL A 227 -13.69 2.19 2.88
N VAL A 228 -13.67 3.37 3.49
CA VAL A 228 -12.64 4.38 3.29
C VAL A 228 -11.21 3.83 3.45
N THR A 229 -10.99 3.05 4.50
CA THR A 229 -9.70 2.40 4.77
C THR A 229 -9.26 1.55 3.59
N PHE A 230 -10.15 0.66 3.14
CA PHE A 230 -9.77 -0.30 2.10
C PHE A 230 -9.49 0.43 0.81
N ILE A 231 -10.36 1.36 0.43
CA ILE A 231 -10.22 2.04 -0.85
C ILE A 231 -8.94 2.85 -0.91
N PHE A 232 -8.68 3.62 0.14
CA PHE A 232 -7.50 4.44 0.16
C PHE A 232 -6.22 3.62 0.20
N THR A 233 -6.05 2.80 1.25
CA THR A 233 -4.85 1.95 1.39
C THR A 233 -4.78 0.87 0.32
N GLY A 234 -5.92 0.35 -0.10
CA GLY A 234 -5.94 -0.68 -1.13
C GLY A 234 -5.44 -0.20 -2.48
N HIS A 235 -5.65 1.07 -2.81
CA HIS A 235 -5.42 1.48 -4.20
C HIS A 235 -4.08 2.15 -4.45
N GLU A 236 -3.68 2.99 -3.53
CA GLU A 236 -2.41 3.69 -3.63
C GLU A 236 -1.21 2.74 -3.51
N THR A 237 -1.35 1.71 -2.68
CA THR A 237 -0.26 0.80 -2.42
C THR A 237 -0.03 -0.10 -3.62
N VAL A 238 -1.13 -0.64 -4.13
CA VAL A 238 -1.09 -1.55 -5.27
C VAL A 238 -0.67 -0.78 -6.52
N ALA A 239 -1.31 0.36 -6.75
CA ALA A 239 -1.01 1.18 -7.91
C ALA A 239 0.47 1.55 -7.94
N SER A 240 0.99 2.04 -6.82
CA SER A 240 2.41 2.39 -6.77
C SER A 240 3.32 1.17 -6.94
N GLN A 241 2.89 0.02 -6.45
CA GLN A 241 3.67 -1.19 -6.59
C GLN A 241 3.71 -1.70 -8.04
N VAL A 242 2.58 -1.60 -8.75
CA VAL A 242 2.56 -1.93 -10.18
C VAL A 242 3.59 -1.07 -10.93
N GLY A 243 3.60 0.23 -10.66
CA GLY A 243 4.59 1.13 -11.25
C GLY A 243 6.02 0.75 -10.91
N ASN A 244 6.31 0.52 -9.63
CA ASN A 244 7.65 0.14 -9.18
C ASN A 244 8.08 -1.18 -9.80
N ALA A 245 7.15 -2.13 -9.87
CA ALA A 245 7.42 -3.44 -10.46
C ALA A 245 7.87 -3.29 -11.90
N VAL A 246 7.10 -2.54 -12.70
CA VAL A 246 7.45 -2.33 -14.09
C VAL A 246 8.78 -1.61 -14.22
N LEU A 247 9.02 -0.61 -13.38
CA LEU A 247 10.31 0.07 -13.37
C LEU A 247 11.44 -0.92 -13.08
N SER A 248 11.27 -1.74 -12.05
CA SER A 248 12.29 -2.72 -11.68
C SER A 248 12.67 -3.64 -12.83
N LEU A 249 11.68 -4.04 -13.63
CA LEU A 249 11.92 -4.92 -14.77
C LEU A 249 12.53 -4.19 -15.96
N LEU A 250 12.07 -2.97 -16.23
CA LEU A 250 12.65 -2.14 -17.29
C LEU A 250 14.11 -1.77 -16.99
N ALA A 251 14.39 -1.49 -15.72
CA ALA A 251 15.74 -1.14 -15.27
C ALA A 251 16.70 -2.32 -15.40
N HIS A 252 16.17 -3.54 -15.35
CA HIS A 252 16.96 -4.76 -15.44
C HIS A 252 16.51 -5.56 -16.67
N PRO A 253 16.99 -5.18 -17.87
CA PRO A 253 16.50 -5.74 -19.14
C PRO A 253 16.66 -7.26 -19.26
N ASP A 254 17.73 -7.78 -18.66
CA ASP A 254 18.01 -9.21 -18.65
C ASP A 254 17.01 -10.03 -17.82
N GLN A 255 16.54 -9.43 -16.74
CA GLN A 255 15.56 -10.05 -15.87
C GLN A 255 14.23 -10.12 -16.59
N LEU A 256 13.91 -9.04 -17.30
CA LEU A 256 12.70 -9.00 -18.11
C LEU A 256 12.71 -10.12 -19.16
N ASP A 257 13.81 -10.21 -19.91
CA ASP A 257 13.99 -11.28 -20.89
C ASP A 257 13.81 -12.68 -20.30
N LEU A 258 14.38 -12.90 -19.12
CA LEU A 258 14.25 -14.19 -18.43
C LEU A 258 12.77 -14.55 -18.18
N LEU A 259 12.02 -13.60 -17.59
CA LEU A 259 10.59 -13.78 -17.34
C LEU A 259 9.78 -14.02 -18.62
N ARG A 260 10.06 -13.20 -19.63
CA ARG A 260 9.46 -13.33 -20.96
C ARG A 260 9.71 -14.74 -21.53
N ARG A 261 10.96 -15.20 -21.49
CA ARG A 261 11.31 -16.54 -21.97
C ARG A 261 10.82 -17.65 -21.05
N ARG A 262 10.75 -17.37 -19.76
CA ARG A 262 10.31 -18.34 -18.77
CA ARG A 262 10.32 -18.33 -18.74
C ARG A 262 9.10 -17.80 -17.98
N PRO A 263 7.88 -17.95 -18.57
CA PRO A 263 6.67 -17.38 -17.94
C PRO A 263 6.30 -18.00 -16.58
N ASP A 264 6.94 -19.12 -16.23
CA ASP A 264 6.69 -19.82 -14.98
CA ASP A 264 6.69 -19.82 -14.98
C ASP A 264 7.24 -19.05 -13.78
N LEU A 265 8.14 -18.10 -14.05
CA LEU A 265 8.80 -17.31 -13.01
C LEU A 265 7.99 -16.10 -12.51
N LEU A 266 6.79 -15.93 -13.06
CA LEU A 266 5.93 -14.79 -12.74
C LEU A 266 5.68 -14.59 -11.24
N ALA A 267 5.32 -15.65 -10.54
CA ALA A 267 5.02 -15.56 -9.11
C ALA A 267 6.17 -14.93 -8.32
N GLN A 268 7.38 -15.44 -8.53
CA GLN A 268 8.54 -14.99 -7.77
C GLN A 268 9.17 -13.70 -8.31
N ALA A 269 8.91 -13.39 -9.57
CA ALA A 269 9.31 -12.12 -10.14
C ALA A 269 8.57 -11.02 -9.40
N VAL A 270 7.28 -11.26 -9.19
CA VAL A 270 6.45 -10.36 -8.39
C VAL A 270 6.96 -10.27 -6.94
N GLU A 271 7.25 -11.43 -6.33
CA GLU A 271 7.81 -11.42 -4.96
C GLU A 271 9.02 -10.52 -4.88
N GLU A 272 9.90 -10.65 -5.88
CA GLU A 272 11.13 -9.86 -5.95
C GLU A 272 10.85 -8.37 -6.12
N CYS A 273 9.85 -8.02 -6.92
CA CYS A 273 9.45 -6.63 -7.06
C CYS A 273 9.01 -6.05 -5.73
N LEU A 274 8.20 -6.82 -4.98
CA LEU A 274 7.76 -6.45 -3.64
C LEU A 274 8.95 -6.26 -2.71
N ARG A 275 9.87 -7.21 -2.75
CA ARG A 275 11.10 -7.17 -1.99
C ARG A 275 11.94 -5.94 -2.35
N TYR A 276 12.28 -5.83 -3.63
CA TYR A 276 13.27 -4.85 -4.10
C TYR A 276 12.84 -3.36 -4.02
N ASP A 277 11.56 -3.09 -4.32
CA ASP A 277 11.05 -1.71 -4.27
C ASP A 277 9.61 -1.66 -3.77
N PRO A 278 9.39 -1.88 -2.46
CA PRO A 278 8.06 -1.87 -1.88
C PRO A 278 7.38 -0.48 -1.91
N SER A 279 6.09 -0.45 -2.21
CA SER A 279 5.34 0.80 -2.23
C SER A 279 5.11 1.33 -0.83
N VAL A 280 5.12 0.45 0.16
CA VAL A 280 5.04 0.88 1.55
C VAL A 280 6.41 0.69 2.18
N GLN A 281 7.18 1.78 2.22
CA GLN A 281 8.57 1.78 2.70
C GLN A 281 8.66 1.64 4.23
N SER A 282 7.62 2.08 4.93
CA SER A 282 7.67 2.19 6.40
C SER A 282 6.29 2.30 7.04
N ASN A 283 6.22 1.99 8.33
CA ASN A 283 5.02 2.11 9.15
C ASN A 283 5.35 2.77 10.48
N THR A 284 4.42 3.55 11.00
CA THR A 284 4.65 4.32 12.22
C THR A 284 3.93 3.72 13.45
N ARG A 285 4.57 3.85 14.62
CA ARG A 285 3.99 3.40 15.89
C ARG A 285 4.38 4.44 16.92
N GLN A 286 3.70 4.44 18.08
CA GLN A 286 4.06 5.29 19.19
C GLN A 286 3.99 4.49 20.49
N LEU A 287 5.10 4.47 21.22
CA LEU A 287 5.26 3.57 22.36
C LEU A 287 4.33 3.88 23.53
N ASP A 288 3.76 2.84 24.13
CA ASP A 288 2.92 2.98 25.32
C ASP A 288 3.72 2.84 26.64
N VAL A 289 4.98 2.45 26.52
CA VAL A 289 5.88 2.20 27.67
C VAL A 289 7.33 2.16 27.14
N ASP A 290 8.32 2.44 27.99
CA ASP A 290 9.74 2.32 27.59
C ASP A 290 9.98 0.92 27.06
N VAL A 291 10.76 0.80 25.99
CA VAL A 291 11.20 -0.50 25.49
C VAL A 291 12.66 -0.46 25.06
N GLU A 292 13.40 -1.50 25.44
CA GLU A 292 14.79 -1.60 25.05
CA GLU A 292 14.79 -1.64 25.06
C GLU A 292 14.87 -2.31 23.68
N LEU A 293 15.75 -1.80 22.81
CA LEU A 293 15.94 -2.44 21.49
C LEU A 293 17.35 -2.22 20.95
N ARG A 294 18.04 -3.33 20.64
CA ARG A 294 19.49 -3.31 20.35
C ARG A 294 20.23 -2.31 21.25
N GLY A 295 20.07 -2.47 22.57
CA GLY A 295 20.71 -1.60 23.55
C GLY A 295 20.17 -0.17 23.59
N ARG A 296 19.36 0.21 22.62
CA ARG A 296 18.79 1.54 22.63
C ARG A 296 17.57 1.61 23.54
N ARG A 297 17.43 2.77 24.16
CA ARG A 297 16.40 3.03 25.11
C ARG A 297 15.33 3.93 24.44
N LEU A 298 14.26 3.30 23.99
CA LEU A 298 13.17 4.02 23.35
C LEU A 298 12.12 4.34 24.41
N ARG A 299 11.77 5.62 24.55
CA ARG A 299 10.95 6.05 25.68
C ARG A 299 9.47 5.91 25.37
N ARG A 300 8.68 5.65 26.42
CA ARG A 300 7.26 5.85 26.41
C ARG A 300 6.92 7.12 25.61
N ASP A 301 5.94 7.02 24.70
CA ASP A 301 5.50 8.17 23.91
C ASP A 301 6.41 8.55 22.73
N ASP A 302 7.58 7.92 22.61
CA ASP A 302 8.40 8.13 21.43
C ASP A 302 7.70 7.55 20.21
N VAL A 303 7.94 8.18 19.06
CA VAL A 303 7.40 7.73 17.79
C VAL A 303 8.45 6.84 17.17
N VAL A 304 8.01 5.69 16.67
CA VAL A 304 8.91 4.67 16.15
C VAL A 304 8.47 4.29 14.74
N VAL A 305 9.37 4.45 13.78
CA VAL A 305 9.10 4.09 12.38
C VAL A 305 9.92 2.85 12.03
N VAL A 306 9.24 1.78 11.61
CA VAL A 306 9.93 0.60 11.07
C VAL A 306 10.08 0.75 9.57
N LEU A 307 11.27 0.48 9.06
CA LEU A 307 11.57 0.65 7.65
C LEU A 307 11.54 -0.69 6.90
N ALA A 308 10.37 -1.01 6.33
CA ALA A 308 10.24 -2.18 5.47
C ALA A 308 11.19 -2.12 4.27
N GLY A 309 11.47 -0.90 3.79
CA GLY A 309 12.41 -0.71 2.69
C GLY A 309 13.81 -1.18 3.05
N ALA A 310 14.26 -0.84 4.26
CA ALA A 310 15.59 -1.23 4.73
C ALA A 310 15.65 -2.72 5.06
N ALA A 311 14.65 -3.20 5.78
CA ALA A 311 14.58 -4.60 6.21
C ALA A 311 14.64 -5.56 5.02
N ASN A 312 14.02 -5.17 3.91
CA ASN A 312 14.10 -5.95 2.66
C ASN A 312 15.48 -5.98 2.00
N ARG A 313 16.40 -5.13 2.47
CA ARG A 313 17.77 -5.10 1.95
C ARG A 313 18.81 -5.57 2.98
N ASP A 314 18.31 -6.25 4.02
CA ASP A 314 19.15 -6.77 5.12
C ASP A 314 20.04 -7.94 4.70
N PRO A 315 21.39 -7.73 4.71
CA PRO A 315 22.34 -8.79 4.40
C PRO A 315 22.23 -10.02 5.29
N ARG A 316 21.73 -9.85 6.51
CA ARG A 316 21.51 -11.01 7.38
C ARG A 316 20.43 -11.93 6.80
N ARG A 317 19.51 -11.37 6.03
CA ARG A 317 18.46 -12.17 5.40
C ARG A 317 18.72 -12.50 3.92
N TYR A 318 19.21 -11.54 3.15
CA TYR A 318 19.36 -11.73 1.70
C TYR A 318 20.78 -11.59 1.18
N ASP A 319 21.25 -12.61 0.46
CA ASP A 319 22.49 -12.56 -0.31
C ASP A 319 22.38 -11.52 -1.42
N ARG A 320 23.39 -10.66 -1.53
CA ARG A 320 23.41 -9.59 -2.53
C ARG A 320 22.05 -8.86 -2.52
N PRO A 321 21.77 -8.12 -1.43
CA PRO A 321 20.41 -7.61 -1.25
C PRO A 321 20.03 -6.50 -2.23
N ASP A 322 21.00 -5.72 -2.68
CA ASP A 322 20.71 -4.59 -3.56
C ASP A 322 20.57 -4.96 -5.04
N ASP A 323 20.66 -6.26 -5.31
CA ASP A 323 20.49 -6.77 -6.67
C ASP A 323 19.08 -7.29 -6.92
N PHE A 324 18.56 -6.95 -8.09
CA PHE A 324 17.23 -7.40 -8.51
C PHE A 324 17.34 -8.75 -9.20
N ASP A 325 16.92 -9.80 -8.51
CA ASP A 325 17.07 -11.17 -9.02
C ASP A 325 15.75 -11.91 -8.92
N ILE A 326 15.11 -12.14 -10.07
CA ILE A 326 13.80 -12.78 -10.08
C ILE A 326 13.90 -14.29 -9.84
N GLU A 327 15.13 -14.81 -9.98
CA GLU A 327 15.40 -16.22 -9.73
C GLU A 327 15.92 -16.47 -8.31
N ARG A 328 15.83 -15.45 -7.46
CA ARG A 328 16.13 -15.62 -6.04
C ARG A 328 15.04 -16.50 -5.40
N ASP A 329 15.41 -17.22 -4.34
CA ASP A 329 14.47 -18.09 -3.65
C ASP A 329 13.45 -17.25 -2.86
N PRO A 330 12.15 -17.42 -3.19
CA PRO A 330 11.07 -16.63 -2.58
C PRO A 330 10.98 -16.86 -1.07
N VAL A 331 11.69 -16.02 -0.32
CA VAL A 331 11.66 -16.05 1.14
C VAL A 331 10.93 -14.80 1.63
N PRO A 332 9.85 -14.97 2.40
CA PRO A 332 8.94 -13.90 2.84
C PRO A 332 9.65 -12.60 3.30
N SER A 333 9.14 -11.46 2.82
CA SER A 333 9.76 -10.16 3.12
C SER A 333 8.93 -9.39 4.16
N MET A 334 9.22 -8.10 4.30
CA MET A 334 8.47 -7.23 5.21
C MET A 334 7.43 -6.33 4.52
N SER A 335 7.28 -6.49 3.20
CA SER A 335 6.44 -5.58 2.39
C SER A 335 4.97 -5.57 2.79
N PHE A 336 4.53 -6.66 3.42
CA PHE A 336 3.17 -6.80 3.94
C PHE A 336 3.10 -6.79 5.48
N GLY A 337 4.19 -6.40 6.12
CA GLY A 337 4.24 -6.35 7.59
C GLY A 337 4.28 -7.70 8.27
N ALA A 338 3.95 -7.71 9.57
CA ALA A 338 3.96 -8.92 10.38
C ALA A 338 3.16 -8.70 11.67
N GLY A 339 2.78 -9.80 12.32
CA GLY A 339 2.08 -9.73 13.60
C GLY A 339 0.63 -9.30 13.47
N MET A 340 0.15 -8.61 14.50
CA MET A 340 -1.24 -8.13 14.59
C MET A 340 -1.78 -7.45 13.31
N ARG A 341 -0.94 -6.65 12.63
CA ARG A 341 -1.41 -5.80 11.54
C ARG A 341 -1.04 -6.28 10.13
N TYR A 342 -0.60 -7.54 10.01
CA TYR A 342 -0.22 -8.11 8.71
C TYR A 342 -1.28 -7.79 7.65
N CYS A 343 -0.84 -7.60 6.41
CA CYS A 343 -1.69 -7.11 5.33
C CYS A 343 -2.81 -8.05 4.93
N LEU A 344 -4.04 -7.65 5.23
CA LEU A 344 -5.21 -8.43 4.86
C LEU A 344 -5.31 -8.62 3.35
N GLY A 345 -4.81 -7.64 2.61
CA GLY A 345 -4.96 -7.61 1.17
C GLY A 345 -3.84 -8.21 0.34
N SER A 346 -2.91 -8.91 0.97
CA SER A 346 -1.72 -9.42 0.28
C SER A 346 -2.03 -10.32 -0.91
N TYR A 347 -3.08 -11.11 -0.82
CA TYR A 347 -3.42 -12.00 -1.92
C TYR A 347 -4.03 -11.21 -3.07
N LEU A 348 -4.90 -10.26 -2.72
CA LEU A 348 -5.52 -9.40 -3.69
C LEU A 348 -4.45 -8.60 -4.42
N ALA A 349 -3.46 -8.12 -3.65
CA ALA A 349 -2.31 -7.43 -4.20
C ALA A 349 -1.57 -8.26 -5.23
N ARG A 350 -1.23 -9.48 -4.85
CA ARG A 350 -0.49 -10.40 -5.68
C ARG A 350 -1.23 -10.74 -6.96
N THR A 351 -2.53 -10.99 -6.85
CA THR A 351 -3.33 -11.27 -8.02
C THR A 351 -3.19 -10.13 -9.03
N GLN A 352 -3.29 -8.88 -8.56
CA GLN A 352 -3.18 -7.70 -9.43
C GLN A 352 -1.79 -7.54 -10.06
N LEU A 353 -0.75 -7.70 -9.26
CA LEU A 353 0.63 -7.54 -9.72
C LEU A 353 1.02 -8.62 -10.71
N ARG A 354 0.53 -9.84 -10.48
CA ARG A 354 0.73 -10.93 -11.43
C ARG A 354 0.05 -10.63 -12.77
N ALA A 355 -1.23 -10.27 -12.74
CA ALA A 355 -1.96 -9.92 -13.95
C ALA A 355 -1.36 -8.71 -14.70
N ALA A 356 -0.98 -7.66 -13.98
CA ALA A 356 -0.36 -6.48 -14.62
C ALA A 356 1.00 -6.78 -15.27
N VAL A 357 1.87 -7.49 -14.55
CA VAL A 357 3.20 -7.80 -15.05
C VAL A 357 3.16 -8.81 -16.19
N ALA A 358 2.29 -9.81 -16.06
CA ALA A 358 2.09 -10.79 -17.12
C ALA A 358 1.75 -10.09 -18.44
N ALA A 359 0.72 -9.25 -18.41
CA ALA A 359 0.23 -8.55 -19.59
C ALA A 359 1.25 -7.60 -20.21
N LEU A 360 2.09 -6.96 -19.38
CA LEU A 360 3.09 -6.02 -19.87
C LEU A 360 4.37 -6.67 -20.41
N ALA A 361 4.87 -7.69 -19.72
CA ALA A 361 6.01 -8.46 -20.23
C ALA A 361 5.69 -9.09 -21.58
N ARG A 362 4.44 -9.50 -21.76
CA ARG A 362 3.93 -10.11 -22.99
C ARG A 362 4.02 -9.18 -24.23
N LEU A 363 4.37 -7.92 -24.00
CA LEU A 363 4.39 -6.88 -25.06
C LEU A 363 5.73 -6.73 -25.77
N PRO A 364 5.74 -6.88 -27.12
CA PRO A 364 6.96 -6.76 -27.92
C PRO A 364 7.48 -5.33 -27.94
N GLY A 365 8.80 -5.18 -27.76
CA GLY A 365 9.46 -3.87 -27.76
C GLY A 365 9.23 -3.05 -26.51
N LEU A 366 8.68 -3.63 -25.45
CA LEU A 366 8.47 -2.90 -24.20
C LEU A 366 9.74 -2.22 -23.72
N ARG A 367 9.62 -0.91 -23.50
CA ARG A 367 10.75 -0.07 -23.09
C ARG A 367 10.18 1.17 -22.39
N LEU A 368 11.07 1.94 -21.77
CA LEU A 368 10.73 3.25 -21.23
C LEU A 368 10.41 4.24 -22.35
N GLY A 369 9.39 5.05 -22.13
CA GLY A 369 8.98 6.08 -23.08
C GLY A 369 9.78 7.36 -22.94
N CYS A 370 10.41 7.54 -21.79
CA CYS A 370 11.25 8.71 -21.52
C CYS A 370 12.67 8.29 -21.13
N ALA A 371 13.49 9.27 -20.75
CA ALA A 371 14.83 9.00 -20.22
C ALA A 371 14.74 8.45 -18.80
N SER A 372 15.75 7.66 -18.41
CA SER A 372 15.83 7.07 -17.07
C SER A 372 15.70 8.09 -15.94
N ASP A 373 16.31 9.27 -16.13
CA ASP A 373 16.45 10.28 -15.09
C ASP A 373 15.25 11.24 -14.94
N ALA A 374 14.47 11.37 -16.01
CA ALA A 374 13.31 12.29 -16.01
C ALA A 374 12.17 11.83 -15.09
N LEU A 375 12.29 10.61 -14.55
CA LEU A 375 11.27 10.05 -13.66
C LEU A 375 11.19 10.83 -12.36
N ALA A 376 9.99 10.90 -11.80
CA ALA A 376 9.71 11.68 -10.60
C ALA A 376 8.75 10.93 -9.68
N TYR A 377 9.05 10.97 -8.38
CA TYR A 377 8.19 10.34 -7.38
C TYR A 377 7.16 11.31 -6.84
N GLN A 378 6.00 10.78 -6.43
CA GLN A 378 4.93 11.59 -5.87
C GLN A 378 5.35 12.28 -4.56
N PRO A 379 4.98 13.56 -4.38
CA PRO A 379 5.38 14.40 -3.23
C PRO A 379 5.05 13.90 -1.82
N ARG A 380 4.10 12.97 -1.69
CA ARG A 380 3.68 12.48 -0.35
C ARG A 380 4.67 11.48 0.28
N THR A 381 4.61 11.37 1.60
CA THR A 381 5.51 10.52 2.39
C THR A 381 4.92 9.12 2.57
N MET A 382 3.59 9.04 2.42
CA MET A 382 2.81 7.86 2.80
C MET A 382 3.16 6.59 2.00
N PHE A 383 3.45 6.76 0.71
CA PHE A 383 3.82 5.64 -0.16
C PHE A 383 4.98 6.00 -1.08
N ARG A 384 5.74 4.99 -1.51
CA ARG A 384 6.73 5.17 -2.57
C ARG A 384 6.11 4.86 -3.94
N GLY A 385 5.88 5.90 -4.74
CA GLY A 385 5.22 5.74 -6.03
C GLY A 385 5.55 6.80 -7.05
N LEU A 386 5.71 6.38 -8.30
CA LEU A 386 5.96 7.30 -9.41
C LEU A 386 4.75 8.20 -9.71
N ALA A 387 5.03 9.44 -10.12
CA ALA A 387 4.00 10.38 -10.58
C ALA A 387 3.54 10.03 -12.00
N SER A 388 4.41 9.33 -12.72
CA SER A 388 4.25 9.04 -14.14
C SER A 388 5.25 7.96 -14.55
N LEU A 389 4.80 6.99 -15.34
CA LEU A 389 5.71 5.99 -15.90
C LEU A 389 5.34 5.71 -17.35
N PRO A 390 5.80 6.58 -18.28
CA PRO A 390 5.54 6.34 -19.70
C PRO A 390 6.32 5.13 -20.22
N ILE A 391 5.61 4.24 -20.90
CA ILE A 391 6.22 3.10 -21.60
C ILE A 391 5.85 3.13 -23.08
N ALA A 392 6.66 2.47 -23.90
CA ALA A 392 6.38 2.34 -25.32
C ALA A 392 6.63 0.90 -25.74
N PHE A 393 5.88 0.46 -26.76
CA PHE A 393 5.97 -0.89 -27.29
C PHE A 393 5.52 -0.86 -28.74
N THR A 394 5.65 -1.99 -29.43
CA THR A 394 5.22 -2.11 -30.81
C THR A 394 3.70 -1.93 -30.94
N PRO A 395 3.27 -0.95 -31.75
CA PRO A 395 1.84 -0.75 -32.02
C PRO A 395 1.17 -2.03 -32.49
N GLY A 396 0.01 -2.35 -31.91
CA GLY A 396 -0.68 -3.61 -32.17
C GLY A 396 -0.65 -4.51 -30.95
N GLY A 397 0.42 -4.38 -30.15
CA GLY A 397 0.63 -5.17 -28.94
C GLY A 397 1.08 -6.61 -29.16
#